data_8E6E
#
_entry.id   8E6E
#
_cell.length_a   100.252
_cell.length_b   58.087
_cell.length_c   49.793
_cell.angle_alpha   90.00
_cell.angle_beta   112.39
_cell.angle_gamma   90.00
#
_symmetry.space_group_name_H-M   'C 1 2 1'
#
loop_
_entity.id
_entity.type
_entity.pdbx_description
1 polymer 'Orf1a protein'
2 non-polymer '2-phenylsulfanylethyl ~{N}-[(2~{S})-1-[[(1~{S},2~{S})-1-[bis(oxidanyl)-oxidanylidene-$l^{5}-sulfanyl]-1-oxidanyl-3-[(3~{S})-2-oxidanylidenepyrrolidin-3-yl]propan-2-yl]amino]-4-methyl-1-oxidanylidene-pentan-2-yl]carbamate'
3 non-polymer '(1R,2S)-1-hydroxy-3-[(3S)-2-oxopyrrolidin-3-yl]-2-[(N-{[2-(phenylsulfanyl)ethoxy]carbonyl}-L-leucyl)amino]propane-1-sulfonic acid'
4 water water
#
_entity_poly.entity_id   1
_entity_poly.type   'polypeptide(L)'
_entity_poly.pdbx_seq_one_letter_code
;MHHHHHHSGLVKMSHPSGDVEACMVQVTCGSMTLNGLWLDNTVWCPRHVMCPADQLSDPNYDALLISMTNHSFSVQKHIG
APANLRVVGHAMQGTLLKLTVDVANPSTPAYTFTTVKPGAAFSVLACYNGRPTGTFTVVMRPNYTIKGSFLCGSCGSVGY
TKEGSVINFCYMHQMELANGTHTGSAFDGTMYGAFMDKQVHQVQLTDKYCSVNVVAWLYAAILNGCAWFVKPNRTSVVSF
NEWALANQFTEFVGTQSVDMLAVKTGVAIEQLLYAIQQLYTGFQGKQILGSTMLEDEFTPEDVNMQIMGVVMQ
;
_entity_poly.pdbx_strand_id   A
#
# COMPACT_ATOMS: atom_id res chain seq x y z
N HIS A 6 25.22 12.76 -10.02
CA HIS A 6 25.21 11.38 -9.57
C HIS A 6 23.80 10.85 -9.34
N HIS A 7 23.44 9.78 -10.06
CA HIS A 7 22.21 9.07 -9.79
C HIS A 7 22.32 8.32 -8.47
N SER A 8 21.23 8.35 -7.68
CA SER A 8 21.22 7.80 -6.33
C SER A 8 21.23 6.28 -6.31
N GLY A 9 20.89 5.63 -7.41
CA GLY A 9 20.72 4.19 -7.41
C GLY A 9 19.37 3.74 -6.89
N LEU A 10 18.46 4.68 -6.60
CA LEU A 10 17.13 4.40 -6.10
C LEU A 10 16.10 4.49 -7.21
N VAL A 11 15.25 3.47 -7.31
CA VAL A 11 14.06 3.52 -8.12
C VAL A 11 12.90 3.04 -7.26
N LYS A 12 11.69 3.28 -7.74
CA LYS A 12 10.52 2.67 -7.13
C LYS A 12 10.47 1.22 -7.56
N MET A 13 10.79 0.32 -6.65
CA MET A 13 11.01 -1.08 -6.96
C MET A 13 9.84 -1.89 -6.45
N SER A 14 9.13 -2.56 -7.35
CA SER A 14 8.04 -3.46 -6.97
C SER A 14 8.53 -4.90 -6.98
N HIS A 15 7.81 -5.78 -6.32
CA HIS A 15 8.10 -7.19 -6.44
C HIS A 15 7.75 -7.67 -7.84
N PRO A 16 8.38 -8.74 -8.31
CA PRO A 16 7.88 -9.41 -9.52
C PRO A 16 6.43 -9.83 -9.27
N SER A 17 5.57 -9.58 -10.25
CA SER A 17 4.13 -9.74 -10.06
C SER A 17 3.55 -11.08 -10.53
N GLY A 18 4.36 -12.00 -11.05
CA GLY A 18 3.80 -13.16 -11.71
C GLY A 18 2.99 -14.04 -10.77
N ASP A 19 3.46 -14.21 -9.54
CA ASP A 19 2.77 -15.08 -8.59
C ASP A 19 1.37 -14.57 -8.32
N VAL A 20 1.22 -13.24 -8.27
CA VAL A 20 -0.10 -12.66 -8.00
C VAL A 20 -0.94 -12.58 -9.27
N GLU A 21 -0.31 -12.35 -10.43
CA GLU A 21 -1.09 -12.32 -11.68
C GLU A 21 -1.90 -13.58 -11.85
N ALA A 22 -1.34 -14.73 -11.47
CA ALA A 22 -1.99 -16.02 -11.64
C ALA A 22 -3.18 -16.20 -10.71
N CYS A 23 -3.42 -15.24 -9.81
CA CYS A 23 -4.52 -15.31 -8.87
C CYS A 23 -5.65 -14.38 -9.20
N MET A 24 -5.48 -13.49 -10.18
CA MET A 24 -6.52 -12.51 -10.45
C MET A 24 -7.63 -13.05 -11.34
N VAL A 25 -8.86 -12.71 -10.96
CA VAL A 25 -10.05 -13.11 -11.69
C VAL A 25 -10.95 -11.89 -11.81
N GLN A 26 -11.95 -12.03 -12.68
CA GLN A 26 -13.04 -11.07 -12.82
C GLN A 26 -14.25 -11.60 -12.04
N VAL A 27 -14.88 -10.72 -11.26
CA VAL A 27 -16.12 -11.03 -10.54
C VAL A 27 -17.21 -10.08 -11.02
N THR A 28 -18.33 -10.64 -11.45
CA THR A 28 -19.47 -9.83 -11.89
C THR A 28 -20.68 -10.19 -11.04
N CYS A 29 -21.42 -9.17 -10.63
CA CYS A 29 -22.65 -9.30 -9.87
C CYS A 29 -23.59 -8.22 -10.37
N GLY A 30 -24.71 -8.62 -10.98
CA GLY A 30 -25.65 -7.64 -11.49
C GLY A 30 -25.03 -6.71 -12.51
N SER A 31 -25.08 -5.41 -12.23
CA SER A 31 -24.52 -4.37 -13.10
C SER A 31 -23.09 -4.00 -12.74
N MET A 32 -22.47 -4.68 -11.80
CA MET A 32 -21.13 -4.35 -11.32
C MET A 32 -20.13 -5.42 -11.74
N THR A 33 -18.95 -4.99 -12.16
CA THR A 33 -17.86 -5.91 -12.40
C THR A 33 -16.59 -5.30 -11.82
N LEU A 34 -15.77 -6.15 -11.22
CA LEU A 34 -14.48 -5.71 -10.69
C LEU A 34 -13.58 -6.94 -10.59
N ASN A 35 -12.45 -6.79 -9.90
CA ASN A 35 -11.48 -7.87 -9.82
C ASN A 35 -11.62 -8.63 -8.51
N GLY A 36 -11.20 -9.90 -8.54
CA GLY A 36 -11.08 -10.67 -7.32
C GLY A 36 -9.75 -11.40 -7.25
N LEU A 37 -9.46 -11.93 -6.06
CA LEU A 37 -8.22 -12.64 -5.79
C LEU A 37 -8.54 -14.10 -5.46
N TRP A 38 -8.04 -15.03 -6.27
CA TRP A 38 -8.41 -16.44 -6.19
C TRP A 38 -7.28 -17.19 -5.50
N LEU A 39 -7.50 -17.64 -4.27
CA LEU A 39 -6.52 -18.41 -3.52
C LEU A 39 -7.21 -19.68 -3.02
N ASP A 40 -6.59 -20.84 -3.27
CA ASP A 40 -7.22 -22.12 -2.88
C ASP A 40 -8.64 -22.13 -3.47
N ASN A 41 -9.68 -22.39 -2.66
CA ASN A 41 -11.06 -22.43 -3.14
C ASN A 41 -11.82 -21.14 -2.85
N THR A 42 -11.13 -20.03 -2.62
CA THR A 42 -11.73 -18.78 -2.17
C THR A 42 -11.44 -17.68 -3.18
N VAL A 43 -12.44 -16.88 -3.49
CA VAL A 43 -12.24 -15.65 -4.25
C VAL A 43 -12.64 -14.49 -3.37
N TRP A 44 -11.71 -13.58 -3.14
CA TRP A 44 -11.94 -12.36 -2.37
C TRP A 44 -12.22 -11.20 -3.32
N CYS A 45 -13.21 -10.37 -2.99
CA CYS A 45 -13.45 -9.17 -3.78
C CYS A 45 -14.17 -8.14 -2.92
N PRO A 46 -14.18 -6.89 -3.34
CA PRO A 46 -14.90 -5.86 -2.57
C PRO A 46 -16.39 -6.15 -2.55
N ARG A 47 -17.01 -5.91 -1.39
CA ARG A 47 -18.43 -6.21 -1.28
C ARG A 47 -19.29 -5.26 -2.08
N HIS A 48 -18.77 -4.09 -2.54
CA HIS A 48 -19.67 -3.22 -3.28
C HIS A 48 -19.96 -3.71 -4.69
N VAL A 49 -19.38 -4.85 -5.09
CA VAL A 49 -19.83 -5.47 -6.33
C VAL A 49 -21.30 -5.84 -6.26
N MET A 50 -21.84 -6.04 -5.04
CA MET A 50 -23.24 -6.36 -4.86
C MET A 50 -24.14 -5.13 -4.94
N CYS A 51 -23.57 -3.93 -4.97
CA CYS A 51 -24.39 -2.74 -4.81
CA CYS A 51 -24.34 -2.69 -4.83
C CYS A 51 -24.97 -2.30 -6.16
N PRO A 52 -26.27 -2.12 -6.24
CA PRO A 52 -26.86 -1.46 -7.42
C PRO A 52 -26.47 0.02 -7.40
N ALA A 53 -26.44 0.61 -8.59
CA ALA A 53 -25.96 1.99 -8.71
C ALA A 53 -26.81 2.98 -7.90
N ASP A 54 -28.08 2.66 -7.68
CA ASP A 54 -28.96 3.56 -6.92
C ASP A 54 -28.78 3.44 -5.41
N GLN A 55 -27.92 2.55 -4.93
CA GLN A 55 -27.62 2.39 -3.52
C GLN A 55 -26.19 2.74 -3.14
N LEU A 56 -25.35 3.14 -4.10
CA LEU A 56 -23.91 3.27 -3.85
C LEU A 56 -23.60 4.24 -2.72
N SER A 57 -24.45 5.24 -2.50
CA SER A 57 -24.15 6.24 -1.48
CA SER A 57 -24.13 6.23 -1.48
C SER A 57 -24.44 5.75 -0.08
N ASP A 58 -25.41 4.86 0.09
CA ASP A 58 -25.72 4.29 1.41
C ASP A 58 -26.26 2.88 1.25
N PRO A 59 -25.38 1.91 0.94
CA PRO A 59 -25.83 0.53 0.79
C PRO A 59 -26.23 -0.08 2.13
N ASN A 60 -27.22 -0.97 2.10
CA ASN A 60 -27.42 -1.88 3.24
C ASN A 60 -26.79 -3.21 2.84
N TYR A 61 -25.53 -3.36 3.22
CA TYR A 61 -24.76 -4.53 2.80
C TYR A 61 -25.28 -5.81 3.43
N ASP A 62 -25.80 -5.76 4.66
CA ASP A 62 -26.36 -6.96 5.26
C ASP A 62 -27.55 -7.46 4.45
N ALA A 63 -28.42 -6.55 4.00
CA ALA A 63 -29.56 -6.98 3.20
C ALA A 63 -29.14 -7.38 1.80
N LEU A 64 -28.15 -6.68 1.23
CA LEU A 64 -27.67 -7.07 -0.08
C LEU A 64 -27.10 -8.49 -0.05
N LEU A 65 -26.33 -8.81 1.00
CA LEU A 65 -25.73 -10.14 1.10
C LEU A 65 -26.80 -11.23 1.15
N ILE A 66 -27.84 -11.03 1.96
CA ILE A 66 -28.91 -12.02 2.06
C ILE A 66 -29.67 -12.14 0.74
N SER A 67 -29.73 -11.06 -0.04
CA SER A 67 -30.41 -11.11 -1.33
C SER A 67 -29.64 -11.87 -2.39
N MET A 68 -28.36 -12.16 -2.17
CA MET A 68 -27.56 -12.87 -3.16
C MET A 68 -27.73 -14.37 -3.01
N THR A 69 -27.63 -15.07 -4.13
CA THR A 69 -27.44 -16.51 -4.16
C THR A 69 -26.10 -16.82 -4.81
N ASN A 70 -25.73 -18.09 -4.84
CA ASN A 70 -24.48 -18.44 -5.52
C ASN A 70 -24.53 -18.06 -7.00
N HIS A 71 -25.71 -18.15 -7.61
CA HIS A 71 -25.91 -17.77 -9.00
C HIS A 71 -25.76 -16.26 -9.24
N SER A 72 -25.74 -15.47 -8.16
CA SER A 72 -25.63 -14.02 -8.32
C SER A 72 -24.25 -13.59 -8.80
N PHE A 73 -23.26 -14.46 -8.66
CA PHE A 73 -21.86 -14.12 -8.92
C PHE A 73 -21.35 -14.91 -10.12
N SER A 74 -20.71 -14.21 -11.06
CA SER A 74 -20.04 -14.83 -12.18
C SER A 74 -18.56 -14.53 -12.03
N VAL A 75 -17.74 -15.59 -11.95
CA VAL A 75 -16.30 -15.46 -11.74
C VAL A 75 -15.56 -16.12 -12.90
N GLN A 76 -14.68 -15.35 -13.53
CA GLN A 76 -13.95 -15.83 -14.70
C GLN A 76 -12.47 -15.49 -14.60
N LYS A 77 -11.63 -16.42 -15.01
CA LYS A 77 -10.21 -16.18 -15.17
C LYS A 77 -9.91 -16.08 -16.66
N HIS A 78 -9.23 -15.01 -17.06
CA HIS A 78 -9.00 -14.71 -18.47
C HIS A 78 -7.60 -15.05 -18.92
N ILE A 79 -6.60 -14.44 -18.30
CA ILE A 79 -5.21 -14.59 -18.73
C ILE A 79 -4.66 -15.90 -18.20
N GLY A 80 -3.58 -16.36 -18.82
CA GLY A 80 -2.96 -17.61 -18.39
C GLY A 80 -3.92 -18.77 -18.55
N ALA A 81 -3.94 -19.64 -17.56
CA ALA A 81 -4.83 -20.80 -17.59
C ALA A 81 -6.27 -20.34 -17.36
N PRO A 82 -7.09 -20.29 -18.41
CA PRO A 82 -8.44 -19.75 -18.26
C PRO A 82 -9.34 -20.74 -17.53
N ALA A 83 -10.38 -20.20 -16.90
CA ALA A 83 -11.39 -21.02 -16.27
C ALA A 83 -12.60 -20.16 -16.00
N ASN A 84 -13.77 -20.78 -15.99
CA ASN A 84 -14.93 -20.17 -15.37
C ASN A 84 -15.15 -20.88 -14.05
N LEU A 85 -15.27 -20.13 -12.98
CA LEU A 85 -15.36 -20.69 -11.64
C LEU A 85 -16.79 -20.61 -11.15
N ARG A 86 -17.32 -21.75 -10.72
CA ARG A 86 -18.68 -21.83 -10.22
C ARG A 86 -18.66 -21.50 -8.73
N VAL A 87 -19.45 -20.50 -8.32
CA VAL A 87 -19.52 -20.14 -6.91
C VAL A 87 -20.43 -21.13 -6.19
N VAL A 88 -19.93 -21.69 -5.09
CA VAL A 88 -20.67 -22.66 -4.30
C VAL A 88 -20.92 -22.21 -2.88
N GLY A 89 -20.44 -21.04 -2.50
CA GLY A 89 -20.80 -20.44 -1.23
C GLY A 89 -20.39 -18.99 -1.24
N HIS A 90 -21.03 -18.21 -0.38
CA HIS A 90 -20.67 -16.81 -0.29
C HIS A 90 -20.83 -16.31 1.13
N ALA A 91 -20.00 -15.34 1.48
CA ALA A 91 -19.95 -14.80 2.83
C ALA A 91 -19.32 -13.41 2.77
N MET A 92 -19.59 -12.62 3.80
CA MET A 92 -19.04 -11.28 3.95
C MET A 92 -18.10 -11.21 5.14
N GLN A 93 -16.92 -10.64 4.94
CA GLN A 93 -16.02 -10.33 6.04
C GLN A 93 -15.69 -8.84 5.95
N GLY A 94 -16.34 -8.05 6.79
CA GLY A 94 -16.10 -6.61 6.74
C GLY A 94 -16.50 -6.08 5.38
N THR A 95 -15.58 -5.39 4.73
CA THR A 95 -15.83 -4.77 3.43
C THR A 95 -15.47 -5.67 2.26
N LEU A 96 -15.19 -6.97 2.52
CA LEU A 96 -14.88 -7.92 1.47
C LEU A 96 -15.90 -9.05 1.44
N LEU A 97 -16.10 -9.59 0.24
CA LEU A 97 -16.80 -10.85 0.08
C LEU A 97 -15.78 -11.98 -0.01
N LYS A 98 -16.15 -13.12 0.56
CA LYS A 98 -15.41 -14.37 0.41
C LYS A 98 -16.32 -15.29 -0.39
N LEU A 99 -16.00 -15.53 -1.65
CA LEU A 99 -16.74 -16.47 -2.45
C LEU A 99 -16.02 -17.80 -2.44
N THR A 100 -16.74 -18.87 -2.18
CA THR A 100 -16.17 -20.20 -2.28
C THR A 100 -16.46 -20.74 -3.67
N VAL A 101 -15.43 -21.27 -4.34
CA VAL A 101 -15.57 -21.76 -5.70
C VAL A 101 -15.25 -23.24 -5.76
N ASP A 102 -15.69 -23.88 -6.85
CA ASP A 102 -15.59 -25.33 -6.97
C ASP A 102 -14.18 -25.81 -7.34
N VAL A 103 -13.33 -24.95 -7.87
CA VAL A 103 -12.00 -25.31 -8.32
C VAL A 103 -10.98 -24.59 -7.44
N ALA A 104 -10.01 -25.33 -6.92
CA ALA A 104 -8.91 -24.72 -6.20
C ALA A 104 -7.89 -24.17 -7.18
N ASN A 105 -7.39 -22.95 -6.93
CA ASN A 105 -6.40 -22.37 -7.82
C ASN A 105 -5.15 -23.24 -7.83
N PRO A 106 -4.81 -23.88 -8.95
CA PRO A 106 -3.59 -24.71 -9.00
C PRO A 106 -2.32 -23.90 -8.92
N SER A 107 -2.38 -22.58 -9.06
CA SER A 107 -1.20 -21.73 -8.90
C SER A 107 -1.30 -20.85 -7.68
N THR A 108 -1.92 -21.34 -6.61
CA THR A 108 -1.96 -20.58 -5.37
C THR A 108 -0.54 -20.51 -4.81
N PRO A 109 0.01 -19.31 -4.62
CA PRO A 109 1.34 -19.21 -4.00
C PRO A 109 1.24 -19.45 -2.51
N ALA A 110 2.39 -19.66 -1.87
CA ALA A 110 2.41 -19.57 -0.42
C ALA A 110 2.05 -18.15 -0.02
N TYR A 111 1.14 -18.00 0.93
CA TYR A 111 0.66 -16.66 1.24
C TYR A 111 0.21 -16.54 2.68
N THR A 112 0.20 -15.29 3.15
CA THR A 112 -0.41 -14.88 4.39
C THR A 112 -1.17 -13.58 4.14
N PHE A 113 -1.97 -13.20 5.12
CA PHE A 113 -2.62 -11.89 5.16
C PHE A 113 -2.01 -11.07 6.28
N THR A 114 -1.71 -9.80 6.00
CA THR A 114 -1.15 -8.91 7.00
C THR A 114 -1.71 -7.51 6.79
N THR A 115 -1.59 -6.67 7.81
CA THR A 115 -1.94 -5.26 7.67
C THR A 115 -0.66 -4.44 7.59
N VAL A 116 -0.59 -3.54 6.64
CA VAL A 116 0.60 -2.69 6.51
CA VAL A 116 0.57 -2.67 6.45
C VAL A 116 0.40 -1.43 7.32
N LYS A 117 1.53 -0.90 7.80
CA LYS A 117 1.54 0.25 8.67
C LYS A 117 2.03 1.50 7.95
N PRO A 118 1.66 2.68 8.44
CA PRO A 118 2.07 3.91 7.78
C PRO A 118 3.58 3.97 7.64
N GLY A 119 4.03 4.43 6.48
CA GLY A 119 5.43 4.50 6.16
C GLY A 119 5.97 3.26 5.49
N ALA A 120 5.26 2.14 5.58
CA ALA A 120 5.73 0.92 4.95
C ALA A 120 5.31 0.84 3.49
N ALA A 121 6.19 0.24 2.67
CA ALA A 121 5.99 0.12 1.23
C ALA A 121 5.35 -1.22 0.88
N PHE A 122 4.58 -1.23 -0.20
CA PHE A 122 4.06 -2.48 -0.72
C PHE A 122 3.85 -2.33 -2.21
N SER A 123 3.74 -3.48 -2.87
CA SER A 123 3.55 -3.56 -4.30
C SER A 123 2.08 -3.71 -4.66
N VAL A 124 1.65 -3.06 -5.74
CA VAL A 124 0.27 -3.11 -6.18
C VAL A 124 0.24 -3.68 -7.59
N LEU A 125 -0.68 -4.60 -7.84
CA LEU A 125 -0.96 -5.10 -9.17
C LEU A 125 -2.30 -4.51 -9.58
N ALA A 126 -2.25 -3.50 -10.45
CA ALA A 126 -3.46 -2.85 -10.94
C ALA A 126 -4.07 -3.69 -12.04
N CYS A 127 -5.37 -3.96 -11.91
CA CYS A 127 -6.12 -4.87 -12.77
C CYS A 127 -7.44 -4.25 -13.17
N TYR A 128 -7.90 -4.59 -14.38
CA TYR A 128 -9.19 -4.16 -14.88
C TYR A 128 -9.85 -5.36 -15.54
N ASN A 129 -11.11 -5.65 -15.19
CA ASN A 129 -11.82 -6.79 -15.77
C ASN A 129 -11.05 -8.11 -15.58
N GLY A 130 -10.35 -8.25 -14.46
CA GLY A 130 -9.60 -9.44 -14.17
C GLY A 130 -8.30 -9.56 -14.94
N ARG A 131 -7.89 -8.52 -15.66
CA ARG A 131 -6.65 -8.57 -16.43
C ARG A 131 -5.63 -7.64 -15.80
N PRO A 132 -4.49 -8.15 -15.35
CA PRO A 132 -3.45 -7.28 -14.81
C PRO A 132 -2.94 -6.33 -15.89
N THR A 133 -2.80 -5.06 -15.53
CA THR A 133 -2.38 -4.05 -16.49
CA THR A 133 -2.43 -4.00 -16.45
C THR A 133 -1.13 -3.28 -16.07
N GLY A 134 -0.79 -3.24 -14.80
CA GLY A 134 0.39 -2.51 -14.39
C GLY A 134 0.77 -2.87 -12.98
N THR A 135 2.03 -2.59 -12.64
CA THR A 135 2.43 -2.74 -11.26
C THR A 135 3.24 -1.52 -10.82
N PHE A 136 3.07 -1.16 -9.56
CA PHE A 136 3.73 -0.01 -8.98
C PHE A 136 3.86 -0.25 -7.49
N THR A 137 4.69 0.56 -6.84
CA THR A 137 4.85 0.47 -5.40
C THR A 137 4.48 1.79 -4.74
N VAL A 138 3.90 1.69 -3.54
CA VAL A 138 3.46 2.85 -2.77
C VAL A 138 3.86 2.65 -1.32
N VAL A 139 3.88 3.74 -0.58
CA VAL A 139 4.01 3.72 0.89
CA VAL A 139 3.99 3.66 0.88
C VAL A 139 2.64 4.05 1.46
N MET A 140 2.21 3.30 2.47
CA MET A 140 1.03 3.70 3.21
C MET A 140 1.25 5.04 3.89
N ARG A 141 0.40 6.01 3.57
CA ARG A 141 0.55 7.32 4.17
C ARG A 141 0.09 7.32 5.64
N PRO A 142 0.56 8.30 6.42
CA PRO A 142 0.12 8.38 7.83
C PRO A 142 -1.37 8.59 7.97
N ASN A 143 -2.06 9.05 6.93
CA ASN A 143 -3.51 9.18 7.00
C ASN A 143 -4.24 8.01 6.34
N TYR A 144 -3.54 6.91 6.08
CA TYR A 144 -4.14 5.64 5.64
C TYR A 144 -4.73 5.76 4.24
N THR A 145 -4.08 6.55 3.41
CA THR A 145 -4.33 6.58 1.99
C THR A 145 -3.03 6.18 1.31
N ILE A 146 -3.12 5.89 0.02
CA ILE A 146 -1.93 5.69 -0.81
C ILE A 146 -2.03 6.59 -2.03
N LYS A 147 -0.88 7.02 -2.54
CA LYS A 147 -0.83 7.84 -3.74
C LYS A 147 -0.67 6.89 -4.92
N GLY A 148 -1.78 6.32 -5.35
CA GLY A 148 -1.78 5.31 -6.37
C GLY A 148 -2.16 5.81 -7.75
N SER A 149 -2.51 4.86 -8.61
CA SER A 149 -2.92 5.18 -9.97
C SER A 149 -3.98 4.14 -10.29
N PHE A 150 -5.24 4.52 -10.10
CA PHE A 150 -6.38 3.62 -10.19
C PHE A 150 -7.51 4.34 -10.90
N LEU A 151 -8.13 3.69 -11.86
CA LEU A 151 -9.24 4.23 -12.62
C LEU A 151 -10.50 3.40 -12.37
N CYS A 152 -11.61 3.79 -13.00
CA CYS A 152 -12.82 3.00 -12.88
CA CYS A 152 -12.83 3.01 -12.93
C CYS A 152 -12.57 1.56 -13.32
N GLY A 153 -13.07 0.61 -12.52
CA GLY A 153 -12.83 -0.80 -12.77
C GLY A 153 -11.66 -1.40 -12.02
N SER A 154 -10.90 -0.58 -11.29
CA SER A 154 -9.71 -1.08 -10.62
C SER A 154 -9.98 -1.74 -9.29
N CYS A 155 -11.20 -1.65 -8.76
CA CYS A 155 -11.41 -2.23 -7.44
C CYS A 155 -11.17 -3.73 -7.44
N GLY A 156 -10.64 -4.22 -6.32
CA GLY A 156 -10.21 -5.58 -6.25
C GLY A 156 -8.77 -5.79 -6.63
N SER A 157 -8.13 -4.79 -7.22
CA SER A 157 -6.67 -4.80 -7.37
C SER A 157 -6.02 -4.98 -6.00
N VAL A 158 -4.91 -5.72 -5.96
CA VAL A 158 -4.34 -6.11 -4.67
C VAL A 158 -2.95 -5.52 -4.45
N GLY A 159 -2.64 -5.32 -3.18
CA GLY A 159 -1.32 -4.92 -2.75
C GLY A 159 -0.73 -5.97 -1.83
N TYR A 160 0.60 -6.09 -1.84
CA TYR A 160 1.27 -7.18 -1.15
C TYR A 160 2.73 -6.84 -0.92
N THR A 161 3.31 -7.49 0.09
CA THR A 161 4.74 -7.60 0.28
C THR A 161 5.14 -9.07 0.07
N LYS A 162 6.43 -9.34 0.12
CA LYS A 162 6.92 -10.70 -0.10
C LYS A 162 8.07 -10.95 0.84
N GLU A 163 7.97 -12.00 1.65
CA GLU A 163 9.09 -12.49 2.46
C GLU A 163 9.46 -13.87 1.95
N GLY A 164 10.69 -14.00 1.45
CA GLY A 164 11.04 -15.25 0.79
C GLY A 164 10.08 -15.48 -0.36
N SER A 165 9.54 -16.68 -0.43
CA SER A 165 8.56 -17.01 -1.46
C SER A 165 7.13 -16.75 -1.02
N VAL A 166 6.91 -16.26 0.21
CA VAL A 166 5.57 -16.09 0.77
C VAL A 166 5.05 -14.70 0.44
N ILE A 167 3.88 -14.66 -0.17
CA ILE A 167 3.23 -13.40 -0.51
C ILE A 167 2.38 -12.99 0.67
N ASN A 168 2.60 -11.77 1.19
CA ASN A 168 1.79 -11.23 2.30
C ASN A 168 0.82 -10.21 1.72
N PHE A 169 -0.43 -10.63 1.52
CA PHE A 169 -1.41 -9.73 0.95
C PHE A 169 -1.88 -8.77 2.02
N CYS A 170 -1.86 -7.47 1.70
CA CYS A 170 -2.17 -6.44 2.67
C CYS A 170 -3.19 -5.41 2.20
N TYR A 171 -3.61 -5.42 0.94
CA TYR A 171 -4.47 -4.35 0.44
C TYR A 171 -5.36 -4.85 -0.68
N MET A 172 -6.64 -4.49 -0.63
CA MET A 172 -7.57 -4.68 -1.75
C MET A 172 -8.23 -3.35 -2.05
N HIS A 173 -8.11 -2.90 -3.29
CA HIS A 173 -8.45 -1.53 -3.60
C HIS A 173 -9.97 -1.30 -3.57
N GLN A 174 -10.38 -0.16 -2.97
CA GLN A 174 -11.80 0.15 -2.83
C GLN A 174 -12.22 1.51 -3.37
N MET A 175 -11.42 2.56 -3.23
CA MET A 175 -12.01 3.87 -3.50
C MET A 175 -10.93 4.93 -3.70
N GLU A 176 -11.38 6.06 -4.26
CA GLU A 176 -10.55 7.24 -4.50
C GLU A 176 -11.11 8.39 -3.68
N LEU A 177 -10.24 9.06 -2.95
CA LEU A 177 -10.62 10.17 -2.10
C LEU A 177 -10.58 11.48 -2.90
N ALA A 178 -11.14 12.54 -2.28
CA ALA A 178 -11.32 13.81 -2.98
C ALA A 178 -10.00 14.41 -3.45
N ASN A 179 -8.90 14.15 -2.74
CA ASN A 179 -7.61 14.71 -3.13
C ASN A 179 -6.86 13.81 -4.09
N GLY A 180 -7.51 12.79 -4.64
CA GLY A 180 -6.91 11.93 -5.64
C GLY A 180 -6.12 10.76 -5.10
N THR A 181 -5.95 10.66 -3.78
CA THR A 181 -5.34 9.48 -3.21
C THR A 181 -6.38 8.36 -3.11
N HIS A 182 -5.94 7.22 -2.62
CA HIS A 182 -6.70 5.97 -2.72
C HIS A 182 -6.70 5.26 -1.39
N THR A 183 -7.72 4.46 -1.14
CA THR A 183 -7.65 3.56 -0.01
C THR A 183 -8.43 2.29 -0.30
N GLY A 184 -8.30 1.39 0.63
CA GLY A 184 -8.88 0.08 0.45
C GLY A 184 -8.88 -0.67 1.76
N SER A 185 -9.04 -1.96 1.60
CA SER A 185 -9.20 -2.82 2.78
C SER A 185 -8.04 -3.73 3.03
N ALA A 186 -7.89 -4.16 4.26
CA ALA A 186 -7.05 -5.30 4.57
C ALA A 186 -7.91 -6.56 4.41
N PHE A 187 -7.25 -7.73 4.38
CA PHE A 187 -8.00 -8.96 4.14
C PHE A 187 -8.69 -9.51 5.39
N ASP A 188 -8.60 -8.80 6.53
CA ASP A 188 -9.57 -9.02 7.60
C ASP A 188 -10.85 -8.25 7.37
N GLY A 189 -10.94 -7.51 6.26
CA GLY A 189 -12.15 -6.81 5.89
C GLY A 189 -12.24 -5.39 6.42
N THR A 190 -11.29 -4.96 7.25
CA THR A 190 -11.33 -3.57 7.72
C THR A 190 -10.82 -2.65 6.63
N MET A 191 -11.47 -1.50 6.45
CA MET A 191 -10.85 -0.42 5.69
C MET A 191 -9.66 0.15 6.44
N TYR A 192 -8.63 0.52 5.68
CA TYR A 192 -7.55 1.29 6.28
C TYR A 192 -8.10 2.64 6.76
N GLY A 193 -7.59 3.08 7.91
CA GLY A 193 -8.02 4.36 8.47
C GLY A 193 -9.48 4.35 8.89
N ALA A 194 -10.10 5.53 8.79
CA ALA A 194 -11.47 5.73 9.22
C ALA A 194 -12.46 5.72 8.06
N PHE A 195 -12.07 5.19 6.90
CA PHE A 195 -12.90 5.26 5.71
C PHE A 195 -14.00 4.21 5.73
N MET A 196 -15.11 4.51 5.04
CA MET A 196 -16.19 3.56 4.80
C MET A 196 -16.40 3.35 3.31
N ASP A 197 -16.81 2.14 2.94
CA ASP A 197 -16.99 1.81 1.52
C ASP A 197 -18.39 2.22 1.08
N LYS A 198 -18.60 3.53 1.11
CA LYS A 198 -19.83 4.13 0.63
C LYS A 198 -19.46 5.30 -0.25
N GLN A 199 -20.23 5.53 -1.30
CA GLN A 199 -19.90 6.60 -2.25
C GLN A 199 -20.50 7.92 -1.77
N VAL A 200 -19.90 8.42 -0.68
CA VAL A 200 -20.22 9.72 -0.11
C VAL A 200 -18.94 10.40 0.31
N HIS A 201 -18.93 11.74 0.21
CA HIS A 201 -17.77 12.51 0.61
C HIS A 201 -17.43 12.22 2.06
N GLN A 202 -16.14 12.04 2.35
CA GLN A 202 -15.70 11.68 3.68
C GLN A 202 -14.57 12.57 4.16
N VAL A 203 -14.62 12.90 5.45
CA VAL A 203 -13.51 13.59 6.10
C VAL A 203 -12.23 12.81 5.86
N GLN A 204 -11.20 13.50 5.39
CA GLN A 204 -9.89 12.89 5.16
C GLN A 204 -8.88 13.52 6.09
N LEU A 205 -8.09 12.67 6.76
CA LEU A 205 -7.20 13.20 7.77
C LEU A 205 -5.98 13.84 7.13
N THR A 206 -5.27 14.63 7.92
CA THR A 206 -4.13 15.35 7.38
C THR A 206 -2.97 14.37 7.20
N ASP A 207 -2.25 14.50 6.09
CA ASP A 207 -1.06 13.69 5.89
C ASP A 207 0.11 14.32 6.64
N LYS A 208 1.19 13.54 6.78
CA LYS A 208 2.40 13.96 7.47
C LYS A 208 3.60 13.41 6.73
N TYR A 209 4.74 14.04 6.93
CA TYR A 209 6.00 13.44 6.48
C TYR A 209 6.32 12.21 7.33
N CYS A 210 6.77 11.12 6.69
CA CYS A 210 7.16 9.91 7.40
CA CYS A 210 7.16 9.91 7.42
C CYS A 210 8.63 10.07 7.81
N SER A 211 8.86 10.41 9.07
CA SER A 211 10.20 10.77 9.52
C SER A 211 11.21 9.65 9.29
N VAL A 212 10.82 8.40 9.56
CA VAL A 212 11.79 7.31 9.42
C VAL A 212 12.22 7.17 7.98
N ASN A 213 11.31 7.43 7.02
CA ASN A 213 11.67 7.35 5.61
C ASN A 213 12.53 8.55 5.18
N VAL A 214 12.29 9.73 5.75
CA VAL A 214 13.18 10.86 5.46
C VAL A 214 14.59 10.55 5.94
N VAL A 215 14.72 9.96 7.13
CA VAL A 215 16.03 9.54 7.63
C VAL A 215 16.67 8.55 6.68
N ALA A 216 15.88 7.60 6.18
CA ALA A 216 16.41 6.62 5.23
C ALA A 216 16.98 7.31 4.00
N TRP A 217 16.25 8.29 3.49
CA TRP A 217 16.66 8.98 2.27
C TRP A 217 17.93 9.80 2.52
N LEU A 218 18.03 10.44 3.69
CA LEU A 218 19.25 11.16 4.01
C LEU A 218 20.43 10.20 4.14
N TYR A 219 20.21 8.99 4.66
CA TYR A 219 21.26 7.98 4.65
C TYR A 219 21.63 7.58 3.21
N ALA A 220 20.62 7.43 2.33
CA ALA A 220 20.90 7.15 0.94
C ALA A 220 21.79 8.24 0.34
N ALA A 221 21.55 9.50 0.73
CA ALA A 221 22.37 10.60 0.24
C ALA A 221 23.83 10.46 0.68
N ILE A 222 24.05 10.12 1.95
CA ILE A 222 25.40 9.92 2.46
C ILE A 222 26.06 8.74 1.75
N LEU A 223 25.31 7.66 1.57
CA LEU A 223 25.82 6.50 0.86
C LEU A 223 26.22 6.83 -0.57
N ASN A 224 25.72 7.95 -1.12
CA ASN A 224 26.04 8.42 -2.46
C ASN A 224 27.06 9.55 -2.46
N GLY A 225 27.72 9.80 -1.33
CA GLY A 225 28.72 10.85 -1.26
C GLY A 225 28.18 12.25 -1.03
N CYS A 226 26.88 12.38 -0.74
CA CYS A 226 26.19 13.66 -0.55
C CYS A 226 25.91 13.83 0.94
N ALA A 227 26.72 14.65 1.61
CA ALA A 227 26.60 14.76 3.07
C ALA A 227 26.77 16.19 3.57
N TRP A 228 26.53 17.20 2.73
CA TRP A 228 26.76 18.57 3.15
C TRP A 228 25.87 18.96 4.32
N PHE A 229 24.74 18.28 4.49
CA PHE A 229 23.77 18.56 5.54
C PHE A 229 24.12 17.89 6.86
N VAL A 230 25.15 17.05 6.88
CA VAL A 230 25.57 16.39 8.11
C VAL A 230 26.47 17.33 8.89
N LYS A 231 26.07 17.61 10.13
CA LYS A 231 26.77 18.48 11.05
C LYS A 231 27.01 17.71 12.33
N PRO A 232 27.97 18.13 13.16
CA PRO A 232 28.13 17.50 14.47
C PRO A 232 26.89 17.59 15.34
N ASN A 233 26.04 18.60 15.12
CA ASN A 233 24.88 18.81 15.97
C ASN A 233 23.92 17.64 15.90
N ARG A 234 23.17 17.46 16.99
CA ARG A 234 22.30 16.30 17.17
C ARG A 234 21.01 16.71 17.86
N THR A 235 19.92 16.06 17.47
CA THR A 235 18.64 16.19 18.16
C THR A 235 18.25 14.80 18.65
N SER A 236 17.91 14.70 19.93
CA SER A 236 17.52 13.41 20.49
C SER A 236 16.20 12.96 19.88
N VAL A 237 15.97 11.64 19.92
CA VAL A 237 14.70 11.12 19.41
C VAL A 237 13.54 11.73 20.17
N VAL A 238 13.68 11.85 21.50
CA VAL A 238 12.58 12.40 22.28
CA VAL A 238 12.60 12.41 22.31
C VAL A 238 12.34 13.86 21.91
N SER A 239 13.40 14.65 21.77
CA SER A 239 13.24 16.06 21.38
C SER A 239 12.69 16.18 19.98
N PHE A 240 13.21 15.38 19.04
CA PHE A 240 12.67 15.41 17.69
C PHE A 240 11.18 15.09 17.68
N ASN A 241 10.77 14.07 18.44
CA ASN A 241 9.38 13.66 18.38
C ASN A 241 8.45 14.70 18.98
N GLU A 242 8.91 15.45 19.98
CA GLU A 242 8.15 16.61 20.43
C GLU A 242 8.00 17.62 19.30
N TRP A 243 9.11 17.93 18.63
CA TRP A 243 9.09 18.84 17.49
C TRP A 243 8.18 18.33 16.38
N ALA A 244 8.23 17.03 16.10
CA ALA A 244 7.49 16.47 14.98
C ALA A 244 5.99 16.70 15.14
N LEU A 245 5.47 16.58 16.36
CA LEU A 245 4.03 16.71 16.57
C LEU A 245 3.55 18.11 16.21
N ALA A 246 4.40 19.11 16.32
CA ALA A 246 4.01 20.47 16.00
C ALA A 246 4.29 20.85 14.55
N ASN A 247 4.93 19.96 13.77
CA ASN A 247 5.41 20.33 12.44
C ASN A 247 5.04 19.30 11.39
N GLN A 248 4.05 18.47 11.66
CA GLN A 248 3.41 17.63 10.64
C GLN A 248 4.36 16.50 10.21
N PHE A 249 5.19 16.02 11.13
CA PHE A 249 6.00 14.84 10.94
C PHE A 249 5.49 13.72 11.84
N THR A 250 5.59 12.48 11.36
CA THR A 250 5.39 11.34 12.23
C THR A 250 6.48 11.31 13.28
N GLU A 251 6.18 10.74 14.44
CA GLU A 251 7.22 10.46 15.42
C GLU A 251 8.15 9.37 14.91
N PHE A 252 9.45 9.55 15.17
CA PHE A 252 10.47 8.63 14.69
C PHE A 252 10.61 7.44 15.64
N VAL A 253 10.59 6.24 15.08
CA VAL A 253 10.87 5.00 15.81
C VAL A 253 11.96 4.27 15.04
N GLY A 254 13.12 4.07 15.68
CA GLY A 254 14.22 3.41 15.01
C GLY A 254 14.01 1.90 14.90
N THR A 255 14.68 1.34 13.90
CA THR A 255 14.60 -0.09 13.59
C THR A 255 16.01 -0.59 13.30
N GLN A 256 16.18 -1.91 13.30
CA GLN A 256 17.49 -2.45 12.93
C GLN A 256 17.87 -2.07 11.52
N SER A 257 16.88 -1.90 10.64
CA SER A 257 17.16 -1.44 9.28
CA SER A 257 17.18 -1.45 9.28
C SER A 257 17.82 -0.07 9.29
N VAL A 258 17.32 0.84 10.11
CA VAL A 258 17.95 2.15 10.21
C VAL A 258 19.31 2.04 10.86
N ASP A 259 19.42 1.20 11.90
CA ASP A 259 20.69 1.03 12.60
C ASP A 259 21.79 0.53 11.67
N MET A 260 21.45 -0.35 10.72
CA MET A 260 22.46 -0.78 9.75
C MET A 260 22.97 0.39 8.92
N LEU A 261 22.09 1.32 8.55
CA LEU A 261 22.51 2.47 7.76
C LEU A 261 23.42 3.38 8.57
N ALA A 262 23.12 3.55 9.86
CA ALA A 262 23.99 4.34 10.74
C ALA A 262 25.37 3.70 10.88
N VAL A 263 25.43 2.38 11.02
CA VAL A 263 26.72 1.70 11.15
C VAL A 263 27.51 1.83 9.85
N LYS A 264 26.86 1.62 8.71
CA LYS A 264 27.55 1.67 7.42
C LYS A 264 28.13 3.07 7.15
N THR A 265 27.36 4.11 7.46
CA THR A 265 27.80 5.47 7.13
C THR A 265 28.64 6.12 8.23
N GLY A 266 28.54 5.63 9.46
CA GLY A 266 29.14 6.34 10.58
C GLY A 266 28.48 7.64 10.93
N VAL A 267 27.23 7.85 10.51
CA VAL A 267 26.46 9.03 10.85
C VAL A 267 25.32 8.61 11.76
N ALA A 268 25.20 9.28 12.91
CA ALA A 268 24.20 8.86 13.88
C ALA A 268 22.82 9.37 13.52
N ILE A 269 21.80 8.61 13.92
CA ILE A 269 20.41 8.98 13.68
C ILE A 269 20.14 10.39 14.16
N GLU A 270 20.66 10.73 15.35
CA GLU A 270 20.36 12.02 15.95
C GLU A 270 20.95 13.16 15.12
N GLN A 271 22.06 12.91 14.42
CA GLN A 271 22.58 13.91 13.49
C GLN A 271 21.59 14.19 12.36
N LEU A 272 20.94 13.13 11.85
CA LEU A 272 19.98 13.33 10.77
C LEU A 272 18.66 13.90 11.26
N LEU A 273 18.28 13.62 12.51
CA LEU A 273 17.10 14.27 13.07
C LEU A 273 17.30 15.78 13.15
N TYR A 274 18.50 16.21 13.58
CA TYR A 274 18.86 17.63 13.54
C TYR A 274 18.82 18.17 12.11
N ALA A 275 19.37 17.43 11.16
CA ALA A 275 19.39 17.90 9.77
C ALA A 275 17.97 18.07 9.23
N ILE A 276 17.06 17.14 9.57
CA ILE A 276 15.69 17.27 9.10
C ILE A 276 15.08 18.57 9.61
N GLN A 277 15.31 18.88 10.88
CA GLN A 277 14.75 20.11 11.44
C GLN A 277 15.25 21.33 10.69
N GLN A 278 16.54 21.33 10.33
CA GLN A 278 17.11 22.43 9.58
C GLN A 278 16.58 22.45 8.14
N LEU A 279 16.57 21.29 7.49
CA LEU A 279 16.09 21.22 6.12
C LEU A 279 14.62 21.63 6.00
N TYR A 280 13.82 21.36 7.03
CA TYR A 280 12.41 21.72 6.98
C TYR A 280 12.22 23.23 6.96
N THR A 281 13.13 23.98 7.57
CA THR A 281 13.06 25.44 7.47
C THR A 281 13.50 25.94 6.10
N GLY A 282 14.28 25.14 5.37
CA GLY A 282 14.67 25.48 4.01
C GLY A 282 15.94 24.80 3.56
N PHE A 283 16.02 24.44 2.28
CA PHE A 283 17.22 23.85 1.71
C PHE A 283 18.25 24.91 1.32
N GLN A 284 17.89 26.18 1.39
CA GLN A 284 18.81 27.28 1.07
C GLN A 284 19.43 27.10 -0.32
N GLY A 285 18.60 26.70 -1.28
CA GLY A 285 19.03 26.56 -2.65
C GLY A 285 19.87 25.35 -2.95
N LYS A 286 20.16 24.51 -1.95
CA LYS A 286 20.95 23.32 -2.16
C LYS A 286 20.04 22.16 -2.55
N GLN A 287 20.64 21.11 -3.08
CA GLN A 287 19.91 19.93 -3.51
C GLN A 287 20.46 18.72 -2.76
N ILE A 288 19.58 17.76 -2.49
CA ILE A 288 19.96 16.46 -1.94
C ILE A 288 19.40 15.41 -2.90
N LEU A 289 20.30 14.62 -3.50
CA LEU A 289 19.89 13.57 -4.45
C LEU A 289 18.89 14.11 -5.47
N GLY A 290 19.22 15.28 -6.03
CA GLY A 290 18.44 15.91 -7.07
C GLY A 290 17.13 16.54 -6.64
N SER A 291 16.90 16.70 -5.35
CA SER A 291 15.63 17.21 -4.84
C SER A 291 15.88 18.41 -3.95
N THR A 292 14.94 19.37 -3.99
CA THR A 292 14.98 20.51 -3.08
C THR A 292 13.93 20.41 -2.00
N MET A 293 13.36 19.21 -1.82
CA MET A 293 12.45 18.98 -0.71
C MET A 293 12.70 17.59 -0.13
N LEU A 294 12.23 17.41 1.10
CA LEU A 294 12.41 16.15 1.80
C LEU A 294 11.64 15.05 1.07
N GLU A 295 12.27 13.87 1.00
CA GLU A 295 11.68 12.69 0.35
C GLU A 295 11.36 11.64 1.40
N ASP A 296 10.10 11.18 1.46
CA ASP A 296 9.71 10.17 2.44
C ASP A 296 9.07 8.95 1.78
N GLU A 297 9.28 8.75 0.48
CA GLU A 297 8.68 7.61 -0.21
C GLU A 297 9.64 6.43 -0.36
N PHE A 298 10.82 6.48 0.23
CA PHE A 298 11.75 5.34 0.28
C PHE A 298 11.98 4.92 1.73
N THR A 299 11.89 3.63 1.99
CA THR A 299 12.02 3.09 3.34
C THR A 299 13.46 2.75 3.67
N PRO A 300 13.76 2.54 4.95
CA PRO A 300 15.11 2.06 5.30
C PRO A 300 15.44 0.75 4.62
N GLU A 301 14.45 -0.12 4.44
CA GLU A 301 14.66 -1.38 3.75
C GLU A 301 14.97 -1.16 2.28
N ASP A 302 14.29 -0.21 1.62
CA ASP A 302 14.62 0.11 0.23
C ASP A 302 16.08 0.50 0.09
N VAL A 303 16.56 1.36 0.99
CA VAL A 303 17.93 1.85 0.89
C VAL A 303 18.91 0.70 1.17
N ASN A 304 18.63 -0.12 2.18
CA ASN A 304 19.49 -1.25 2.47
C ASN A 304 19.58 -2.19 1.28
N MET A 305 18.43 -2.45 0.65
CA MET A 305 18.36 -3.40 -0.46
C MET A 305 18.97 -2.84 -1.73
N GLN A 306 18.57 -1.62 -2.11
CA GLN A 306 18.92 -1.13 -3.43
C GLN A 306 20.33 -0.61 -3.49
N ILE A 307 20.80 0.00 -2.40
CA ILE A 307 22.13 0.59 -2.38
C ILE A 307 23.15 -0.34 -1.73
N MET A 308 22.80 -0.96 -0.61
CA MET A 308 23.74 -1.77 0.14
C MET A 308 23.67 -3.24 -0.19
N GLY A 309 22.70 -3.66 -1.01
CA GLY A 309 22.63 -5.05 -1.42
C GLY A 309 22.21 -6.01 -0.33
N VAL A 310 21.51 -5.52 0.69
CA VAL A 310 21.16 -6.27 1.87
C VAL A 310 19.65 -6.45 1.93
N VAL A 311 19.20 -7.71 1.98
CA VAL A 311 17.77 -8.01 2.05
C VAL A 311 17.40 -8.58 3.41
#